data_3GU4
#
_entry.id   3GU4
#
_cell.length_a   46.883
_cell.length_b   62.431
_cell.length_c   88.412
_cell.angle_alpha   90.00
_cell.angle_beta   90.00
_cell.angle_gamma   90.00
#
_symmetry.space_group_name_H-M   'P 21 21 21'
#
loop_
_entity.id
_entity.type
_entity.pdbx_description
1 polymer 'Death-associated protein kinase 1'
2 non-polymer 'PHOSPHOAMINOPHOSPHONIC ACID-ADENYLATE ESTER'
3 water water
#
_entity_poly.entity_id   1
_entity_poly.type   'polypeptide(L)'
_entity_poly.pdbx_seq_one_letter_code
;MTVFRQENVDDYYDTGEELGSGVFAVVKKCREKSTGLQYAAKFIKKRRTKSSRRGVSREDIEREVSILKEIQHPNVITLH
EVYENKTDVILILELVAGGELFDFLAEKESLTEEEATEFLKQILNGVYYLHSLQIAHFDLKPENIMLLDRNVPKPRIKII
DFGLAHKIDFGNEFKNIFGTPEFVAPEIVNYEPLGLEADMWSIGVITYILLSGASPFLGDTKQETLANVSAVNYEFEDEY
FSNTSALAKDFIRRLLVKDPKKRMTIQDSLQHPWIKPKDTQQALSSAWSHPQFEK
;
_entity_poly.pdbx_strand_id   A
#
loop_
_chem_comp.id
_chem_comp.type
_chem_comp.name
_chem_comp.formula
ANP non-polymer 'PHOSPHOAMINOPHOSPHONIC ACID-ADENYLATE ESTER' 'C10 H17 N6 O12 P3'
#
# COMPACT_ATOMS: atom_id res chain seq x y z
N THR A 2 -5.10 20.11 12.76
CA THR A 2 -4.75 19.50 14.08
C THR A 2 -3.26 19.68 14.33
N VAL A 3 -2.91 20.09 15.53
N VAL A 3 -2.93 19.98 15.59
CA VAL A 3 -1.51 20.28 15.82
CA VAL A 3 -1.58 20.37 16.05
C VAL A 3 -0.97 19.01 16.47
C VAL A 3 -0.90 19.21 16.79
N PHE A 4 0.33 18.87 16.42
CA PHE A 4 1.02 17.69 16.95
C PHE A 4 2.04 18.09 17.99
N ARG A 5 2.67 17.09 18.62
CA ARG A 5 3.66 17.33 19.69
C ARG A 5 4.87 18.09 19.16
N GLN A 6 5.20 19.21 19.78
CA GLN A 6 6.26 20.05 19.26
C GLN A 6 7.56 20.03 20.07
N GLU A 7 7.63 19.17 21.07
CA GLU A 7 8.91 18.87 21.69
C GLU A 7 9.83 18.18 20.68
N ASN A 8 11.14 18.30 20.88
CA ASN A 8 12.11 17.67 19.99
C ASN A 8 11.98 16.15 20.09
N VAL A 9 11.80 15.49 18.96
N VAL A 9 11.78 15.49 18.95
CA VAL A 9 11.63 14.03 18.98
CA VAL A 9 11.68 14.02 18.90
C VAL A 9 12.90 13.33 19.51
C VAL A 9 12.88 13.37 19.57
N ASP A 10 14.05 13.99 19.37
CA ASP A 10 15.32 13.44 19.86
C ASP A 10 15.41 13.42 21.38
N ASP A 11 14.55 14.18 22.05
CA ASP A 11 14.46 14.10 23.50
C ASP A 11 13.79 12.82 23.98
N TYR A 12 13.04 12.18 23.09
CA TYR A 12 12.21 11.03 23.44
C TYR A 12 12.59 9.74 22.72
N TYR A 13 13.29 9.88 21.60
CA TYR A 13 13.66 8.74 20.75
C TYR A 13 15.10 8.86 20.30
N ASP A 14 15.74 7.70 20.09
CA ASP A 14 17.01 7.61 19.38
C ASP A 14 16.78 6.92 18.05
N THR A 15 17.36 7.43 16.98
CA THR A 15 17.16 6.83 15.67
C THR A 15 18.36 5.97 15.25
N GLY A 16 18.12 5.04 14.34
CA GLY A 16 19.15 4.13 13.87
C GLY A 16 19.11 3.99 12.37
N GLU A 17 19.05 2.74 11.92
CA GLU A 17 19.05 2.37 10.53
C GLU A 17 17.91 3.02 9.75
N GLU A 18 18.19 3.44 8.53
CA GLU A 18 17.17 3.94 7.64
C GLU A 18 16.40 2.76 7.04
N LEU A 19 15.08 2.84 7.07
CA LEU A 19 14.21 1.74 6.66
C LEU A 19 13.67 1.89 5.25
N GLY A 20 13.61 3.13 4.78
CA GLY A 20 13.07 3.41 3.47
C GLY A 20 12.81 4.89 3.32
N SER A 21 12.39 5.27 2.12
CA SER A 21 12.11 6.67 1.83
C SER A 21 11.07 6.78 0.75
N GLY A 22 10.47 7.97 0.62
N GLY A 22 10.52 8.00 0.62
CA GLY A 22 9.38 8.14 -0.32
CA GLY A 22 9.66 8.38 -0.48
C GLY A 22 9.18 9.56 -0.81
C GLY A 22 10.13 9.70 -1.04
N VAL A 23 7.96 9.85 -1.22
N VAL A 23 9.31 10.29 -1.92
CA VAL A 23 7.62 11.17 -1.70
CA VAL A 23 9.65 11.56 -2.52
C VAL A 23 7.82 12.14 -0.54
C VAL A 23 9.88 12.66 -1.47
N PHE A 24 8.97 12.81 -0.51
CA PHE A 24 9.23 13.81 0.55
C PHE A 24 9.23 13.23 1.96
N ALA A 25 9.64 11.98 2.10
CA ALA A 25 9.69 11.33 3.40
C ALA A 25 10.88 10.41 3.53
N VAL A 26 11.33 10.24 4.76
CA VAL A 26 12.36 9.27 5.09
C VAL A 26 11.91 8.56 6.35
N VAL A 27 12.13 7.24 6.38
CA VAL A 27 11.71 6.41 7.51
C VAL A 27 12.93 5.79 8.17
N LYS A 28 13.06 6.00 9.47
CA LYS A 28 14.22 5.54 10.24
C LYS A 28 13.76 4.68 11.41
N LYS A 29 14.46 3.58 11.65
N LYS A 29 14.47 3.59 11.65
CA LYS A 29 14.23 2.79 12.85
CA LYS A 29 14.29 2.84 12.88
C LYS A 29 14.55 3.66 14.07
C LYS A 29 14.49 3.78 14.06
N CYS A 30 13.73 3.56 15.11
CA CYS A 30 13.95 4.35 16.32
C CYS A 30 13.60 3.55 17.54
N ARG A 31 14.03 4.06 18.69
CA ARG A 31 13.82 3.42 19.97
C ARG A 31 13.35 4.49 20.93
N GLU A 32 12.24 4.23 21.61
CA GLU A 32 11.72 5.16 22.58
C GLU A 32 12.51 5.03 23.87
N LYS A 33 13.00 6.14 24.39
CA LYS A 33 13.87 6.13 25.57
C LYS A 33 13.17 5.59 26.82
N SER A 34 11.90 5.91 26.97
CA SER A 34 11.19 5.60 28.21
C SER A 34 10.79 4.14 28.33
N THR A 35 10.75 3.41 27.21
CA THR A 35 10.27 2.02 27.22
C THR A 35 11.22 1.02 26.58
N GLY A 36 12.22 1.51 25.83
CA GLY A 36 13.09 0.66 25.03
C GLY A 36 12.43 0.02 23.82
N LEU A 37 11.16 0.37 23.57
CA LEU A 37 10.41 -0.22 22.46
C LEU A 37 10.80 0.45 21.14
N GLN A 38 10.77 -0.34 20.07
CA GLN A 38 11.23 0.12 18.78
C GLN A 38 10.07 0.41 17.84
N TYR A 39 10.27 1.42 17.00
CA TYR A 39 9.28 1.97 16.09
C TYR A 39 9.96 2.35 14.77
N ALA A 40 9.13 2.79 13.82
CA ALA A 40 9.61 3.37 12.56
C ALA A 40 9.18 4.85 12.55
N ALA A 41 10.15 5.76 12.55
CA ALA A 41 9.86 7.20 12.51
C ALA A 41 9.85 7.68 11.07
N LYS A 42 8.69 8.13 10.61
CA LYS A 42 8.51 8.63 9.25
C LYS A 42 8.53 10.15 9.29
N PHE A 43 9.58 10.73 8.73
CA PHE A 43 9.75 12.18 8.69
C PHE A 43 9.20 12.69 7.37
N ILE A 44 8.08 13.41 7.42
CA ILE A 44 7.44 13.93 6.20
C ILE A 44 7.74 15.42 6.07
N LYS A 45 8.33 15.81 4.95
N LYS A 45 8.36 15.82 4.97
CA LYS A 45 8.68 17.21 4.72
CA LYS A 45 8.70 17.23 4.76
C LYS A 45 7.44 18.06 4.48
C LYS A 45 7.47 18.07 4.48
N LYS A 46 7.31 19.13 5.28
CA LYS A 46 6.22 20.09 5.11
C LYS A 46 6.43 21.02 3.91
N ARG A 47 5.34 21.55 3.39
CA ARG A 47 5.40 22.62 2.40
C ARG A 47 5.86 23.94 3.03
N ARG A 48 6.75 24.64 2.32
CA ARG A 48 7.30 25.91 2.81
C ARG A 48 6.42 27.11 2.45
N THR A 49 5.58 26.95 1.42
CA THR A 49 4.62 27.97 0.98
C THR A 49 3.44 27.26 0.34
N LYS A 50 2.25 27.89 0.40
CA LYS A 50 0.99 27.35 -0.13
C LYS A 50 1.07 26.81 -1.56
N SER A 51 1.70 27.58 -2.45
CA SER A 51 1.73 27.29 -3.88
C SER A 51 2.90 26.38 -4.27
N SER A 52 3.73 26.03 -3.29
CA SER A 52 4.89 25.19 -3.53
C SER A 52 4.49 23.78 -3.98
N ARG A 53 5.35 23.17 -4.78
N ARG A 53 5.34 23.18 -4.81
CA ARG A 53 5.14 21.79 -5.26
CA ARG A 53 5.14 21.80 -5.24
C ARG A 53 5.98 20.81 -4.43
C ARG A 53 5.84 20.87 -4.25
N ARG A 54 6.96 21.34 -3.72
CA ARG A 54 7.81 20.56 -2.82
C ARG A 54 7.15 20.39 -1.46
N GLY A 55 7.44 19.26 -0.82
CA GLY A 55 6.86 18.92 0.47
C GLY A 55 5.42 18.47 0.33
N VAL A 56 4.84 18.03 1.44
CA VAL A 56 3.48 17.54 1.47
C VAL A 56 2.59 18.57 2.15
N SER A 57 1.44 18.85 1.53
CA SER A 57 0.49 19.81 2.09
C SER A 57 0.02 19.35 3.44
N ARG A 58 -0.33 20.31 4.30
CA ARG A 58 -0.77 19.96 5.63
C ARG A 58 -2.06 19.13 5.56
N GLU A 59 -2.93 19.46 4.62
CA GLU A 59 -4.14 18.69 4.41
C GLU A 59 -3.83 17.20 4.15
N ASP A 60 -2.85 16.95 3.29
CA ASP A 60 -2.46 15.58 2.96
C ASP A 60 -1.80 14.86 4.16
N ILE A 61 -0.98 15.56 4.92
CA ILE A 61 -0.39 14.97 6.11
C ILE A 61 -1.48 14.62 7.12
N GLU A 62 -2.39 15.56 7.35
CA GLU A 62 -3.43 15.35 8.34
C GLU A 62 -4.35 14.20 7.95
N ARG A 63 -4.62 14.03 6.66
CA ARG A 63 -5.44 12.91 6.20
C ARG A 63 -4.77 11.56 6.53
N GLU A 64 -3.48 11.47 6.23
CA GLU A 64 -2.73 10.24 6.53
C GLU A 64 -2.76 9.95 8.02
N VAL A 65 -2.50 10.96 8.84
CA VAL A 65 -2.51 10.78 10.29
C VAL A 65 -3.92 10.35 10.78
N SER A 66 -4.96 11.02 10.27
N SER A 66 -4.96 11.02 10.30
CA SER A 66 -6.34 10.76 10.70
CA SER A 66 -6.31 10.72 10.76
C SER A 66 -6.78 9.33 10.39
C SER A 66 -6.67 9.27 10.44
N ILE A 67 -6.38 8.83 9.22
CA ILE A 67 -6.67 7.46 8.84
C ILE A 67 -5.88 6.46 9.68
N LEU A 68 -4.58 6.71 9.84
CA LEU A 68 -3.76 5.86 10.68
C LEU A 68 -4.30 5.77 12.11
N LYS A 69 -4.75 6.88 12.66
CA LYS A 69 -5.31 6.86 14.03
C LYS A 69 -6.51 5.93 14.17
N GLU A 70 -7.27 5.71 13.10
CA GLU A 70 -8.46 4.85 13.12
C GLU A 70 -8.17 3.36 13.15
N ILE A 71 -7.02 2.95 12.65
N ILE A 71 -6.97 2.98 12.68
CA ILE A 71 -6.85 1.54 12.32
CA ILE A 71 -6.62 1.59 12.34
C ILE A 71 -6.08 0.75 13.37
C ILE A 71 -6.09 0.79 13.53
N GLN A 72 -6.64 -0.41 13.71
CA GLN A 72 -6.02 -1.39 14.59
C GLN A 72 -6.42 -2.78 14.10
N HIS A 73 -5.49 -3.44 13.42
CA HIS A 73 -5.71 -4.75 12.84
C HIS A 73 -4.36 -5.41 12.64
N PRO A 74 -4.26 -6.73 12.83
CA PRO A 74 -2.94 -7.38 12.68
C PRO A 74 -2.26 -7.17 11.33
N ASN A 75 -3.03 -6.91 10.28
CA ASN A 75 -2.44 -6.80 8.94
C ASN A 75 -2.26 -5.39 8.43
N VAL A 76 -2.38 -4.41 9.33
N VAL A 76 -2.32 -4.42 9.34
CA VAL A 76 -2.05 -3.03 8.99
CA VAL A 76 -2.11 -3.03 8.97
C VAL A 76 -1.11 -2.44 10.02
C VAL A 76 -1.24 -2.37 10.04
N ILE A 77 -0.40 -1.41 9.60
N ILE A 77 -0.28 -1.54 9.65
CA ILE A 77 0.49 -0.66 10.48
CA ILE A 77 0.49 -0.83 10.67
C ILE A 77 -0.33 0.24 11.40
C ILE A 77 -0.39 0.09 11.47
N THR A 78 0.09 0.39 12.67
CA THR A 78 -0.57 1.32 13.54
C THR A 78 0.30 2.55 13.79
N LEU A 79 -0.34 3.57 14.31
CA LEU A 79 0.32 4.81 14.62
C LEU A 79 0.51 4.89 16.13
N HIS A 80 1.73 5.20 16.54
CA HIS A 80 2.03 5.33 17.97
C HIS A 80 1.91 6.77 18.47
N GLU A 81 2.55 7.70 17.79
CA GLU A 81 2.62 9.10 18.23
C GLU A 81 2.90 9.97 17.00
N VAL A 82 2.62 11.26 17.10
CA VAL A 82 3.00 12.20 16.04
C VAL A 82 3.66 13.43 16.64
N TYR A 83 4.81 13.81 16.09
CA TYR A 83 5.52 15.04 16.45
C TYR A 83 5.57 15.95 15.24
N GLU A 84 5.88 17.22 15.48
CA GLU A 84 6.17 18.11 14.37
C GLU A 84 7.13 19.21 14.76
N ASN A 85 7.78 19.78 13.75
CA ASN A 85 8.59 20.99 13.92
C ASN A 85 8.43 21.84 12.67
N LYS A 86 9.22 22.89 12.52
CA LYS A 86 9.02 23.81 11.39
C LYS A 86 9.09 23.12 10.02
N THR A 87 9.92 22.08 9.92
CA THR A 87 10.17 21.47 8.62
C THR A 87 9.50 20.12 8.36
N ASP A 88 9.17 19.38 9.42
N ASP A 88 9.18 19.39 9.43
CA ASP A 88 8.67 18.01 9.26
CA ASP A 88 8.70 18.01 9.32
C ASP A 88 7.54 17.67 10.21
C ASP A 88 7.47 17.74 10.18
N VAL A 89 6.67 16.78 9.76
CA VAL A 89 5.78 16.06 10.66
C VAL A 89 6.40 14.67 10.79
N ILE A 90 6.52 14.17 12.02
CA ILE A 90 7.21 12.92 12.30
C ILE A 90 6.21 11.93 12.87
N LEU A 91 5.88 10.91 12.07
N LEU A 91 5.87 10.93 12.07
CA LEU A 91 4.94 9.87 12.50
CA LEU A 91 4.95 9.90 12.52
C LEU A 91 5.69 8.70 13.11
C LEU A 91 5.79 8.79 13.15
N ILE A 92 5.43 8.41 14.37
CA ILE A 92 6.06 7.26 15.01
C ILE A 92 5.12 6.09 14.74
N LEU A 93 5.54 5.22 13.83
CA LEU A 93 4.74 4.10 13.35
C LEU A 93 5.21 2.78 13.94
N GLU A 94 4.31 1.80 13.97
CA GLU A 94 4.70 0.43 14.28
C GLU A 94 5.82 -0.01 13.33
N LEU A 95 6.89 -0.57 13.89
CA LEU A 95 8.00 -1.09 13.12
C LEU A 95 7.66 -2.44 12.48
N VAL A 96 7.92 -2.54 11.19
CA VAL A 96 7.82 -3.83 10.50
C VAL A 96 9.23 -4.12 10.00
N ALA A 97 9.87 -5.11 10.61
CA ALA A 97 11.33 -5.29 10.52
C ALA A 97 11.83 -6.23 9.43
N GLY A 98 10.91 -6.95 8.78
CA GLY A 98 11.29 -8.01 7.85
C GLY A 98 11.37 -7.62 6.38
N GLY A 99 11.38 -6.33 6.09
CA GLY A 99 11.53 -5.83 4.72
C GLY A 99 10.25 -5.85 3.91
N GLU A 100 10.35 -5.28 2.72
CA GLU A 100 9.22 -5.22 1.77
C GLU A 100 8.99 -6.57 1.11
N LEU A 101 7.72 -6.88 0.85
CA LEU A 101 7.38 -8.03 0.02
C LEU A 101 8.10 -7.94 -1.32
N PHE A 102 8.23 -6.74 -1.86
CA PHE A 102 8.99 -6.51 -3.09
C PHE A 102 10.39 -7.14 -3.05
N ASP A 103 11.12 -6.90 -1.96
CA ASP A 103 12.48 -7.41 -1.85
C ASP A 103 12.51 -8.93 -1.59
N PHE A 104 11.56 -9.42 -0.81
CA PHE A 104 11.37 -10.85 -0.58
C PHE A 104 11.17 -11.60 -1.90
N LEU A 105 10.30 -11.06 -2.76
CA LEU A 105 10.02 -11.66 -4.06
C LEU A 105 11.22 -11.64 -4.99
N ALA A 106 12.02 -10.57 -4.91
CA ALA A 106 13.21 -10.42 -5.75
C ALA A 106 14.28 -11.44 -5.40
N GLU A 107 14.42 -11.73 -4.10
CA GLU A 107 15.46 -12.63 -3.60
C GLU A 107 15.14 -14.11 -3.76
N LYS A 108 13.84 -14.44 -3.70
CA LYS A 108 13.36 -15.83 -3.79
C LYS A 108 13.05 -16.28 -5.22
N GLU A 109 12.53 -15.36 -6.03
CA GLU A 109 12.19 -15.56 -7.45
C GLU A 109 11.13 -16.52 -8.00
N SER A 110 10.34 -17.18 -7.14
CA SER A 110 9.43 -18.24 -7.61
C SER A 110 8.60 -18.85 -6.47
N LEU A 111 7.42 -18.28 -6.25
CA LEU A 111 6.48 -18.79 -5.23
C LEU A 111 5.62 -19.95 -5.72
N THR A 112 5.20 -20.79 -4.79
CA THR A 112 4.15 -21.79 -5.04
C THR A 112 2.79 -21.11 -4.93
N GLU A 113 1.74 -21.74 -5.43
CA GLU A 113 0.39 -21.19 -5.27
C GLU A 113 0.02 -21.03 -3.79
N GLU A 114 0.42 -21.99 -2.98
CA GLU A 114 0.19 -21.92 -1.53
C GLU A 114 0.93 -20.76 -0.88
N GLU A 115 2.20 -20.54 -1.25
CA GLU A 115 2.94 -19.39 -0.74
C GLU A 115 2.26 -18.08 -1.15
N ALA A 116 1.87 -17.99 -2.41
CA ALA A 116 1.17 -16.80 -2.91
C ALA A 116 -0.14 -16.55 -2.17
N THR A 117 -0.92 -17.62 -1.98
N THR A 117 -0.92 -17.61 -1.96
CA THR A 117 -2.19 -17.54 -1.27
CA THR A 117 -2.20 -17.48 -1.26
C THR A 117 -2.00 -17.15 0.20
C THR A 117 -2.06 -17.24 0.24
N GLU A 118 -0.93 -17.64 0.82
CA GLU A 118 -0.63 -17.32 2.21
C GLU A 118 -0.37 -15.83 2.41
N PHE A 119 0.34 -15.22 1.46
CA PHE A 119 0.49 -13.76 1.46
C PHE A 119 -0.84 -13.09 1.14
N LEU A 120 -1.49 -13.54 0.07
N LEU A 120 -1.47 -13.54 0.06
CA LEU A 120 -2.69 -12.88 -0.43
CA LEU A 120 -2.69 -12.93 -0.43
C LEU A 120 -3.83 -12.89 0.58
C LEU A 120 -3.78 -12.88 0.62
N LYS A 121 -4.00 -13.99 1.32
CA LYS A 121 -5.05 -14.07 2.34
C LYS A 121 -4.89 -13.01 3.42
N GLN A 122 -3.65 -12.74 3.83
CA GLN A 122 -3.38 -11.70 4.83
C GLN A 122 -3.65 -10.31 4.26
N ILE A 123 -3.23 -10.09 3.01
CA ILE A 123 -3.52 -8.85 2.33
C ILE A 123 -5.02 -8.65 2.25
N LEU A 124 -5.76 -9.69 1.85
CA LEU A 124 -7.21 -9.60 1.76
C LEU A 124 -7.84 -9.32 3.11
N ASN A 125 -7.31 -9.92 4.18
CA ASN A 125 -7.84 -9.64 5.50
C ASN A 125 -7.62 -8.20 5.91
N GLY A 126 -6.44 -7.66 5.63
CA GLY A 126 -6.17 -6.26 5.94
C GLY A 126 -7.05 -5.32 5.13
N VAL A 127 -7.21 -5.61 3.85
CA VAL A 127 -8.04 -4.77 2.99
C VAL A 127 -9.52 -4.90 3.36
N TYR A 128 -9.94 -6.10 3.78
CA TYR A 128 -11.31 -6.25 4.26
C TYR A 128 -11.59 -5.31 5.43
N TYR A 129 -10.64 -5.26 6.38
CA TYR A 129 -10.76 -4.35 7.51
C TYR A 129 -10.85 -2.90 7.02
N LEU A 130 -9.91 -2.49 6.17
CA LEU A 130 -9.92 -1.12 5.66
C LEU A 130 -11.20 -0.76 4.92
N HIS A 131 -11.61 -1.63 4.00
CA HIS A 131 -12.80 -1.36 3.20
C HIS A 131 -14.04 -1.37 4.07
N SER A 132 -14.06 -2.18 5.14
CA SER A 132 -15.19 -2.17 6.09
C SER A 132 -15.32 -0.82 6.77
N LEU A 133 -14.19 -0.14 6.90
CA LEU A 133 -14.14 1.20 7.41
C LEU A 133 -14.27 2.29 6.34
N GLN A 134 -14.60 1.89 5.12
CA GLN A 134 -14.66 2.80 3.97
C GLN A 134 -13.35 3.52 3.71
N ILE A 135 -12.24 2.88 4.00
CA ILE A 135 -10.93 3.42 3.69
C ILE A 135 -10.40 2.74 2.44
N ALA A 136 -10.16 3.54 1.39
CA ALA A 136 -9.45 3.10 0.21
C ALA A 136 -7.97 3.39 0.43
N HIS A 137 -7.12 2.41 0.15
CA HIS A 137 -5.67 2.58 0.32
C HIS A 137 -5.07 3.38 -0.85
N PHE A 138 -5.44 2.99 -2.07
CA PHE A 138 -5.06 3.63 -3.32
C PHE A 138 -3.60 3.49 -3.75
N ASP A 139 -2.79 2.74 -3.00
CA ASP A 139 -1.40 2.52 -3.41
C ASP A 139 -0.93 1.11 -3.05
N LEU A 140 -1.79 0.11 -3.24
CA LEU A 140 -1.39 -1.26 -2.91
C LEU A 140 -0.43 -1.78 -3.98
N LYS A 141 0.67 -2.34 -3.51
CA LYS A 141 1.72 -2.90 -4.37
C LYS A 141 2.68 -3.64 -3.45
N PRO A 142 3.53 -4.54 -3.99
CA PRO A 142 4.47 -5.28 -3.11
C PRO A 142 5.41 -4.45 -2.27
N GLU A 143 5.79 -3.26 -2.73
CA GLU A 143 6.62 -2.36 -1.93
C GLU A 143 5.90 -1.89 -0.65
N ASN A 144 4.57 -1.87 -0.70
CA ASN A 144 3.74 -1.42 0.42
C ASN A 144 3.16 -2.53 1.30
N ILE A 145 3.75 -3.72 1.20
N ILE A 145 3.70 -3.72 1.12
CA ILE A 145 3.39 -4.84 2.07
CA ILE A 145 3.44 -4.85 1.99
C ILE A 145 4.66 -5.36 2.73
C ILE A 145 4.77 -5.11 2.68
N MET A 146 4.80 -5.10 4.02
N MET A 146 4.75 -5.20 4.01
CA MET A 146 6.04 -5.47 4.71
CA MET A 146 5.96 -5.44 4.79
C MET A 146 5.88 -6.69 5.60
C MET A 146 5.84 -6.75 5.54
N LEU A 147 6.96 -7.45 5.69
CA LEU A 147 6.98 -8.70 6.46
C LEU A 147 7.46 -8.47 7.88
N LEU A 148 6.80 -9.09 8.85
N LEU A 148 6.82 -9.12 8.84
CA LEU A 148 7.25 -9.02 10.24
CA LEU A 148 7.22 -9.02 10.25
C LEU A 148 8.61 -9.68 10.41
C LEU A 148 8.53 -9.75 10.53
N ASP A 149 8.73 -10.88 9.85
CA ASP A 149 9.94 -11.69 9.97
C ASP A 149 10.03 -12.49 8.67
N ARG A 150 11.07 -12.24 7.89
CA ARG A 150 11.22 -12.84 6.57
C ARG A 150 11.81 -14.26 6.60
N ASN A 151 12.22 -14.72 7.78
CA ASN A 151 12.92 -16.00 7.92
C ASN A 151 12.09 -17.14 8.50
N VAL A 152 10.77 -17.03 8.37
CA VAL A 152 9.86 -18.11 8.71
C VAL A 152 9.23 -18.61 7.40
N PRO A 153 8.78 -19.87 7.36
CA PRO A 153 8.21 -20.39 6.10
C PRO A 153 6.99 -19.64 5.57
N LYS A 154 6.14 -19.12 6.45
CA LYS A 154 4.93 -18.38 6.06
C LYS A 154 4.93 -16.98 6.68
N PRO A 155 5.71 -16.05 6.10
CA PRO A 155 5.86 -14.73 6.73
C PRO A 155 4.56 -13.97 6.92
N ARG A 156 4.41 -13.35 8.08
CA ARG A 156 3.25 -12.50 8.35
C ARG A 156 3.48 -11.12 7.79
N ILE A 157 2.40 -10.46 7.36
CA ILE A 157 2.55 -9.17 6.73
C ILE A 157 1.68 -8.08 7.32
N LYS A 158 2.10 -6.85 7.04
CA LYS A 158 1.31 -5.65 7.33
C LYS A 158 1.35 -4.72 6.14
N ILE A 159 0.20 -4.16 5.84
CA ILE A 159 0.08 -3.10 4.83
C ILE A 159 0.59 -1.80 5.43
N ILE A 160 1.42 -1.11 4.65
CA ILE A 160 2.01 0.18 5.05
C ILE A 160 1.63 1.26 4.04
N ASP A 161 2.14 2.48 4.27
CA ASP A 161 2.05 3.61 3.34
C ASP A 161 0.64 4.09 3.07
N PHE A 162 0.12 4.86 4.02
CA PHE A 162 -1.20 5.44 3.91
C PHE A 162 -1.19 6.86 3.35
N GLY A 163 -0.15 7.18 2.57
CA GLY A 163 0.00 8.53 2.02
C GLY A 163 -1.00 8.91 0.95
N LEU A 164 -1.70 7.93 0.38
CA LEU A 164 -2.74 8.20 -0.62
C LEU A 164 -4.12 7.77 -0.14
N ALA A 165 -4.20 7.20 1.06
CA ALA A 165 -5.46 6.63 1.54
C ALA A 165 -6.52 7.70 1.75
N HIS A 166 -7.78 7.38 1.46
CA HIS A 166 -8.90 8.29 1.64
C HIS A 166 -10.09 7.55 2.22
N LYS A 167 -10.83 8.27 3.05
CA LYS A 167 -12.18 7.88 3.41
C LYS A 167 -13.13 8.05 2.22
N ILE A 168 -13.93 7.03 1.98
CA ILE A 168 -14.91 7.03 0.89
C ILE A 168 -16.31 6.96 1.53
N ASP A 169 -16.82 8.10 1.96
CA ASP A 169 -18.15 8.15 2.58
C ASP A 169 -19.33 8.37 1.62
N PHE A 170 -19.00 8.74 0.38
N PHE A 170 -19.02 8.73 0.36
CA PHE A 170 -19.99 8.98 -0.66
CA PHE A 170 -20.04 8.94 -0.69
C PHE A 170 -19.73 8.05 -1.85
C PHE A 170 -20.02 7.87 -1.79
N GLY A 171 -19.25 6.82 -1.56
CA GLY A 171 -19.07 5.79 -2.58
C GLY A 171 -17.90 6.00 -3.53
N ASN A 172 -17.49 7.25 -3.73
CA ASN A 172 -16.37 7.57 -4.60
C ASN A 172 -15.77 8.92 -4.23
N GLU A 173 -14.51 9.11 -4.63
N GLU A 173 -14.53 9.13 -4.64
CA GLU A 173 -13.79 10.36 -4.45
CA GLU A 173 -13.83 10.39 -4.42
C GLU A 173 -13.31 10.86 -5.81
C GLU A 173 -13.26 10.87 -5.76
N PHE A 174 -13.34 12.18 -6.01
CA PHE A 174 -12.99 12.75 -7.31
C PHE A 174 -11.95 13.85 -7.16
N LYS A 175 -10.69 13.41 -7.23
CA LYS A 175 -9.50 14.24 -7.20
C LYS A 175 -8.49 13.48 -8.13
N ASN A 176 -7.19 13.78 -8.26
CA ASN A 176 -6.22 14.33 -7.31
C ASN A 176 -5.51 13.13 -6.66
N ILE A 177 -5.76 11.95 -7.24
CA ILE A 177 -5.30 10.66 -6.70
C ILE A 177 -4.74 9.78 -7.83
N PHE A 178 -3.45 9.49 -7.74
CA PHE A 178 -2.79 8.68 -8.74
C PHE A 178 -1.61 7.95 -8.10
N GLY A 179 -1.67 6.62 -8.10
CA GLY A 179 -0.62 5.78 -7.51
C GLY A 179 0.45 5.42 -8.54
N THR A 180 1.11 4.28 -8.34
N THR A 180 1.12 4.30 -8.35
CA THR A 180 2.18 3.83 -9.23
CA THR A 180 2.21 3.90 -9.24
C THR A 180 1.60 3.18 -10.49
C THR A 180 1.64 3.20 -10.47
N PRO A 181 2.01 3.66 -11.67
CA PRO A 181 1.41 3.20 -12.96
C PRO A 181 1.16 1.70 -13.11
N GLU A 182 2.11 0.85 -12.72
N GLU A 182 2.12 0.89 -12.69
CA GLU A 182 1.95 -0.61 -12.85
CA GLU A 182 2.06 -0.57 -12.77
C GLU A 182 0.75 -1.16 -12.10
C GLU A 182 0.83 -1.16 -12.05
N PHE A 183 0.34 -0.46 -11.04
CA PHE A 183 -0.69 -0.98 -10.12
C PHE A 183 -2.01 -0.26 -10.11
N VAL A 184 -2.12 0.86 -10.83
CA VAL A 184 -3.35 1.64 -10.78
C VAL A 184 -4.41 1.07 -11.68
N ALA A 185 -5.65 1.24 -11.25
CA ALA A 185 -6.81 0.82 -12.01
C ALA A 185 -7.10 1.76 -13.19
N PRO A 186 -7.85 1.26 -14.19
CA PRO A 186 -8.21 2.12 -15.32
C PRO A 186 -8.89 3.43 -14.93
N GLU A 187 -9.72 3.41 -13.90
CA GLU A 187 -10.39 4.63 -13.47
C GLU A 187 -9.41 5.69 -12.97
N ILE A 188 -8.28 5.25 -12.42
CA ILE A 188 -7.22 6.17 -12.04
C ILE A 188 -6.57 6.77 -13.28
N VAL A 189 -6.22 5.90 -14.23
CA VAL A 189 -5.59 6.30 -15.49
C VAL A 189 -6.45 7.33 -16.23
N ASN A 190 -7.76 7.13 -16.17
CA ASN A 190 -8.71 7.97 -16.89
C ASN A 190 -9.26 9.14 -16.06
N TYR A 191 -8.74 9.31 -14.84
CA TYR A 191 -9.11 10.45 -13.96
C TYR A 191 -10.60 10.48 -13.65
N GLU A 192 -11.15 9.30 -13.40
CA GLU A 192 -12.56 9.16 -13.10
C GLU A 192 -12.75 9.07 -11.59
N PRO A 193 -14.00 9.22 -11.10
CA PRO A 193 -14.25 9.02 -9.68
C PRO A 193 -13.77 7.65 -9.23
N LEU A 194 -13.21 7.63 -8.02
CA LEU A 194 -12.52 6.46 -7.48
C LEU A 194 -13.16 5.96 -6.21
N GLY A 195 -13.21 4.65 -6.05
CA GLY A 195 -13.72 4.08 -4.80
C GLY A 195 -12.89 2.90 -4.37
N LEU A 196 -13.49 2.09 -3.51
CA LEU A 196 -12.81 0.90 -2.99
C LEU A 196 -12.43 -0.07 -4.09
N GLU A 197 -13.12 0.00 -5.23
CA GLU A 197 -12.87 -0.93 -6.33
C GLU A 197 -11.46 -0.83 -6.88
N ALA A 198 -10.87 0.36 -6.80
CA ALA A 198 -9.51 0.55 -7.32
C ALA A 198 -8.49 -0.35 -6.59
N ASP A 199 -8.65 -0.50 -5.29
CA ASP A 199 -7.80 -1.41 -4.51
C ASP A 199 -7.93 -2.86 -4.98
N MET A 200 -9.14 -3.26 -5.39
CA MET A 200 -9.36 -4.64 -5.83
C MET A 200 -8.62 -4.92 -7.13
N TRP A 201 -8.58 -3.94 -8.04
CA TRP A 201 -7.75 -4.06 -9.22
C TRP A 201 -6.28 -4.27 -8.83
N SER A 202 -5.78 -3.44 -7.92
CA SER A 202 -4.38 -3.53 -7.53
C SER A 202 -4.08 -4.91 -6.95
N ILE A 203 -5.04 -5.47 -6.19
CA ILE A 203 -4.88 -6.82 -5.67
C ILE A 203 -4.75 -7.85 -6.80
N GLY A 204 -5.50 -7.64 -7.88
CA GLY A 204 -5.36 -8.51 -9.05
C GLY A 204 -3.95 -8.47 -9.64
N VAL A 205 -3.39 -7.26 -9.71
CA VAL A 205 -2.03 -7.09 -10.24
C VAL A 205 -1.00 -7.76 -9.31
N ILE A 206 -1.13 -7.52 -8.01
CA ILE A 206 -0.26 -8.18 -7.02
C ILE A 206 -0.34 -9.70 -7.14
N THR A 207 -1.55 -10.23 -7.28
CA THR A 207 -1.72 -11.68 -7.40
C THR A 207 -1.01 -12.23 -8.64
N TYR A 208 -1.18 -11.56 -9.76
CA TYR A 208 -0.50 -11.95 -10.99
C TYR A 208 1.03 -12.01 -10.77
N ILE A 209 1.57 -10.97 -10.15
CA ILE A 209 3.00 -10.90 -9.84
C ILE A 209 3.43 -12.02 -8.88
N LEU A 210 2.65 -12.23 -7.81
CA LEU A 210 2.98 -13.29 -6.84
C LEU A 210 3.13 -14.65 -7.49
N LEU A 211 2.28 -14.94 -8.46
CA LEU A 211 2.23 -16.27 -9.07
C LEU A 211 3.25 -16.47 -10.17
N SER A 212 3.67 -15.38 -10.82
CA SER A 212 4.46 -15.46 -12.06
C SER A 212 5.83 -14.80 -12.02
N GLY A 213 6.01 -13.82 -11.14
CA GLY A 213 7.21 -13.00 -11.14
C GLY A 213 7.22 -11.94 -12.24
N ALA A 214 6.11 -11.81 -12.97
CA ALA A 214 6.00 -10.85 -14.06
C ALA A 214 4.83 -9.91 -13.80
N SER A 215 4.93 -8.71 -14.36
CA SER A 215 3.94 -7.66 -14.16
C SER A 215 2.99 -7.63 -15.37
N PRO A 216 1.67 -7.67 -15.14
CA PRO A 216 0.71 -7.84 -16.25
C PRO A 216 0.63 -6.71 -17.28
N PHE A 217 0.87 -5.47 -16.87
CA PHE A 217 0.65 -4.32 -17.77
C PHE A 217 1.92 -3.53 -18.08
N LEU A 218 3.04 -3.93 -17.47
CA LEU A 218 4.24 -3.11 -17.49
C LEU A 218 4.81 -2.98 -18.89
N GLY A 219 4.91 -1.74 -19.35
CA GLY A 219 5.57 -1.40 -20.61
C GLY A 219 6.97 -0.85 -20.35
N ASP A 220 7.62 -0.34 -21.39
CA ASP A 220 8.97 0.21 -21.25
C ASP A 220 8.98 1.66 -20.80
N THR A 221 7.82 2.31 -20.86
CA THR A 221 7.67 3.67 -20.38
C THR A 221 6.38 3.74 -19.56
N LYS A 222 6.26 4.79 -18.74
CA LYS A 222 5.04 4.99 -17.95
C LYS A 222 3.81 5.11 -18.84
N GLN A 223 3.93 5.84 -19.95
CA GLN A 223 2.77 6.03 -20.84
C GLN A 223 2.31 4.71 -21.43
N GLU A 224 3.25 3.83 -21.78
CA GLU A 224 2.88 2.52 -22.29
C GLU A 224 2.16 1.67 -21.22
N THR A 225 2.70 1.65 -20.01
CA THR A 225 2.04 0.95 -18.91
C THR A 225 0.61 1.46 -18.71
N LEU A 226 0.45 2.78 -18.69
CA LEU A 226 -0.87 3.36 -18.48
C LEU A 226 -1.85 3.06 -19.60
N ALA A 227 -1.36 3.09 -20.83
CA ALA A 227 -2.19 2.73 -21.97
C ALA A 227 -2.61 1.27 -21.87
N ASN A 228 -1.70 0.40 -21.46
CA ASN A 228 -1.99 -1.01 -21.28
C ASN A 228 -3.06 -1.23 -20.20
N VAL A 229 -2.92 -0.52 -19.09
CA VAL A 229 -3.90 -0.60 -18.01
C VAL A 229 -5.28 -0.20 -18.53
N SER A 230 -5.37 0.95 -19.18
CA SER A 230 -6.67 1.47 -19.61
C SER A 230 -7.36 0.53 -20.60
N ALA A 231 -6.56 -0.13 -21.44
CA ALA A 231 -7.07 -1.06 -22.44
C ALA A 231 -7.25 -2.48 -21.91
N VAL A 232 -6.90 -2.71 -20.64
CA VAL A 232 -6.87 -4.07 -20.05
C VAL A 232 -6.05 -5.01 -20.94
N ASN A 233 -4.89 -4.50 -21.32
CA ASN A 233 -3.93 -5.20 -22.18
C ASN A 233 -3.01 -6.07 -21.32
N TYR A 234 -3.53 -7.22 -20.88
CA TYR A 234 -2.71 -8.25 -20.22
C TYR A 234 -3.17 -9.64 -20.69
N GLU A 235 -2.28 -10.61 -20.55
CA GLU A 235 -2.63 -12.00 -20.77
C GLU A 235 -1.79 -12.88 -19.86
N PHE A 236 -2.21 -14.13 -19.69
CA PHE A 236 -1.46 -15.11 -18.90
C PHE A 236 -0.45 -15.87 -19.74
N GLU A 237 0.80 -15.47 -19.69
CA GLU A 237 1.84 -16.12 -20.50
C GLU A 237 2.08 -17.55 -20.07
N ASP A 238 2.00 -18.46 -21.04
CA ASP A 238 2.18 -19.88 -20.75
C ASP A 238 3.52 -20.19 -20.09
N GLU A 239 4.57 -19.46 -20.48
CA GLU A 239 5.90 -19.71 -19.92
C GLU A 239 5.89 -19.51 -18.40
N TYR A 240 5.06 -18.58 -17.94
CA TYR A 240 4.97 -18.27 -16.51
C TYR A 240 3.82 -19.00 -15.81
N PHE A 241 2.75 -19.30 -16.53
CA PHE A 241 1.51 -19.77 -15.91
C PHE A 241 1.14 -21.23 -16.22
N SER A 242 1.96 -21.93 -16.99
CA SER A 242 1.61 -23.30 -17.43
C SER A 242 1.26 -24.29 -16.31
N ASN A 243 1.89 -24.14 -15.15
CA ASN A 243 1.60 -24.99 -13.98
C ASN A 243 0.81 -24.29 -12.87
N THR A 244 0.17 -23.15 -13.21
CA THR A 244 -0.71 -22.41 -12.30
C THR A 244 -2.14 -22.86 -12.54
N SER A 245 -2.91 -23.02 -11.48
CA SER A 245 -4.27 -23.54 -11.60
C SER A 245 -5.18 -22.57 -12.35
N ALA A 246 -6.16 -23.15 -13.05
CA ALA A 246 -7.16 -22.34 -13.74
C ALA A 246 -8.00 -21.53 -12.75
N LEU A 247 -8.19 -22.04 -11.54
CA LEU A 247 -8.92 -21.27 -10.51
C LEU A 247 -8.19 -20.00 -10.09
N ALA A 248 -6.87 -20.07 -9.97
CA ALA A 248 -6.05 -18.89 -9.70
C ALA A 248 -6.22 -17.84 -10.80
N LYS A 249 -6.21 -18.29 -12.05
CA LYS A 249 -6.40 -17.39 -13.17
C LYS A 249 -7.80 -16.76 -13.16
N ASP A 250 -8.80 -17.54 -12.76
CA ASP A 250 -10.17 -17.08 -12.64
C ASP A 250 -10.23 -15.93 -11.62
N PHE A 251 -9.60 -16.13 -10.46
CA PHE A 251 -9.51 -15.09 -9.41
C PHE A 251 -8.95 -13.78 -9.98
N ILE A 252 -7.81 -13.85 -10.67
CA ILE A 252 -7.21 -12.66 -11.26
C ILE A 252 -8.12 -12.05 -12.31
N ARG A 253 -8.70 -12.89 -13.16
CA ARG A 253 -9.57 -12.39 -14.23
C ARG A 253 -10.74 -11.58 -13.71
N ARG A 254 -11.25 -11.94 -12.53
CA ARG A 254 -12.42 -11.26 -11.97
C ARG A 254 -12.06 -9.97 -11.23
N LEU A 255 -10.76 -9.72 -11.07
CA LEU A 255 -10.25 -8.46 -10.48
C LEU A 255 -9.80 -7.48 -11.55
N LEU A 256 -9.20 -7.99 -12.62
CA LEU A 256 -8.67 -7.14 -13.69
C LEU A 256 -9.76 -6.86 -14.74
N VAL A 257 -10.78 -6.15 -14.29
CA VAL A 257 -12.00 -5.85 -15.03
C VAL A 257 -12.11 -4.32 -15.08
N LYS A 258 -12.28 -3.77 -16.29
N LYS A 258 -12.30 -3.77 -16.28
CA LYS A 258 -12.30 -2.31 -16.47
CA LYS A 258 -12.30 -2.32 -16.47
C LYS A 258 -13.42 -1.63 -15.70
C LYS A 258 -13.43 -1.60 -15.74
N ASP A 259 -14.64 -2.14 -15.84
CA ASP A 259 -15.81 -1.53 -15.20
C ASP A 259 -15.71 -1.82 -13.69
N PRO A 260 -15.54 -0.77 -12.86
CA PRO A 260 -15.37 -1.05 -11.43
C PRO A 260 -16.57 -1.74 -10.80
N LYS A 261 -17.75 -1.55 -11.36
CA LYS A 261 -18.97 -2.16 -10.83
C LYS A 261 -19.00 -3.67 -11.03
N LYS A 262 -18.27 -4.16 -12.03
CA LYS A 262 -18.28 -5.57 -12.40
C LYS A 262 -17.13 -6.34 -11.75
N ARG A 263 -16.19 -5.61 -11.14
CA ARG A 263 -15.03 -6.19 -10.49
C ARG A 263 -15.44 -6.86 -9.17
N MET A 264 -14.73 -7.92 -8.77
CA MET A 264 -14.99 -8.49 -7.46
C MET A 264 -14.73 -7.47 -6.35
N THR A 265 -15.59 -7.48 -5.34
CA THR A 265 -15.35 -6.70 -4.14
C THR A 265 -14.44 -7.49 -3.19
N ILE A 266 -14.03 -6.83 -2.10
CA ILE A 266 -13.22 -7.55 -1.11
C ILE A 266 -13.99 -8.75 -0.54
N GLN A 267 -15.28 -8.60 -0.28
CA GLN A 267 -16.06 -9.73 0.21
C GLN A 267 -16.14 -10.86 -0.81
N ASP A 268 -16.34 -10.51 -2.09
CA ASP A 268 -16.32 -11.53 -3.16
C ASP A 268 -14.99 -12.28 -3.15
N SER A 269 -13.88 -11.55 -2.99
N SER A 269 -13.89 -11.56 -2.99
CA SER A 269 -12.57 -12.16 -3.10
CA SER A 269 -12.58 -12.18 -3.10
C SER A 269 -12.35 -13.20 -2.00
C SER A 269 -12.36 -13.21 -2.00
N LEU A 270 -12.91 -12.94 -0.81
CA LEU A 270 -12.79 -13.86 0.31
C LEU A 270 -13.69 -15.10 0.17
N GLN A 271 -14.76 -14.98 -0.62
CA GLN A 271 -15.67 -16.10 -0.90
C GLN A 271 -15.29 -16.88 -2.17
N HIS A 272 -14.35 -16.34 -2.94
CA HIS A 272 -13.96 -16.98 -4.20
C HIS A 272 -13.41 -18.37 -3.90
N PRO A 273 -13.79 -19.37 -4.72
CA PRO A 273 -13.33 -20.75 -4.43
C PRO A 273 -11.82 -20.95 -4.31
N TRP A 274 -11.01 -20.08 -4.91
CA TRP A 274 -9.55 -20.20 -4.76
C TRP A 274 -9.09 -19.84 -3.34
N ILE A 275 -9.87 -18.99 -2.68
CA ILE A 275 -9.52 -18.45 -1.36
C ILE A 275 -10.30 -19.09 -0.23
N LYS A 276 -11.62 -19.25 -0.40
N LYS A 276 -11.62 -19.27 -0.43
CA LYS A 276 -12.49 -19.74 0.66
CA LYS A 276 -12.49 -19.79 0.62
C LYS A 276 -12.05 -21.12 1.13
C LYS A 276 -12.01 -21.15 1.12
N PRO A 277 -11.78 -21.27 2.44
CA PRO A 277 -11.32 -22.53 3.02
C PRO A 277 -12.44 -23.56 3.09
N PRO A 291 3.69 10.99 -9.77
CA PRO A 291 4.07 9.58 -9.91
C PRO A 291 3.81 9.04 -11.31
N GLN A 292 2.82 9.62 -12.00
CA GLN A 292 2.41 9.09 -13.30
C GLN A 292 3.14 9.68 -14.51
N PHE A 293 3.96 10.70 -14.30
CA PHE A 293 4.63 11.38 -15.41
C PHE A 293 6.14 11.08 -15.52
N GLU A 294 6.62 11.02 -16.76
CA GLU A 294 8.05 10.83 -17.04
C GLU A 294 8.78 12.17 -17.01
PG ANP B . 5.72 7.11 -1.84
O1G ANP B . 5.51 8.61 -1.92
O2G ANP B . 4.43 6.32 -1.85
O3G ANP B . 6.75 6.60 -2.81
PB ANP B . 5.86 7.71 1.13
O1B ANP B . 4.34 7.74 1.15
O2B ANP B . 6.55 9.04 1.17
N3B ANP B . 6.39 6.80 -0.26
PA ANP B . 6.08 5.43 2.91
O1A ANP B . 5.14 5.41 4.10
O2A ANP B . 5.80 4.58 1.69
O3A ANP B . 6.37 6.96 2.47
O5' ANP B . 7.53 5.00 3.48
C5' ANP B . 8.64 4.87 2.59
C4' ANP B . 9.36 3.54 2.82
O4' ANP B . 9.76 3.44 4.18
C3' ANP B . 8.51 2.31 2.56
O3' ANP B . 8.54 1.92 1.18
C2' ANP B . 9.16 1.28 3.47
O2' ANP B . 10.30 0.69 2.84
C1' ANP B . 9.62 2.10 4.66
N9 ANP B . 8.58 2.04 5.72
C8 ANP B . 7.45 2.78 5.79
N7 ANP B . 6.72 2.47 6.89
C5 ANP B . 7.40 1.52 7.54
C6 ANP B . 7.20 0.77 8.79
N6 ANP B . 6.09 0.99 9.53
N1 ANP B . 8.14 -0.14 9.15
C2 ANP B . 9.24 -0.35 8.38
N3 ANP B . 9.49 0.31 7.25
C4 ANP B . 8.63 1.24 6.78
#